data_2LAL
#
_entry.id   2LAL
#
_cell.length_a   75.810
_cell.length_b   125.470
_cell.length_c   56.500
_cell.angle_alpha   90.00
_cell.angle_beta   90.00
_cell.angle_gamma   90.00
#
_symmetry.space_group_name_H-M   'P 21 21 21'
#
loop_
_entity.id
_entity.type
_entity.pdbx_description
1 polymer 'LENTIL LECTIN (ALPHA CHAIN)'
2 polymer 'LENTIL LECTIN (BETA CHAIN)'
3 non-polymer 'PHOSPHATE ION'
4 non-polymer 'MANGANESE (II) ION'
5 non-polymer 'CALCIUM ION'
6 water water
#
loop_
_entity_poly.entity_id
_entity_poly.type
_entity_poly.pdbx_seq_one_letter_code
_entity_poly.pdbx_strand_id
1 'polypeptide(L)'
;TETTSFSITKFSPDQQNLIFQGDGYTTKGKLTLTKAVKSTVGRALYSTPIHIWDRDTGNVANFVTSFTFVIDAPSSYNVA
DGFTFFIAPVDTKPQTGGGYLGVFNSKEYDKTSQTVAVEFDTFYNAAWDPSNKERHIGIDVNSIKSVNTKSWNLQNGERA
NVVIAFNAATNVLTVTLTYPN
;
A,C
2 'polypeptide(L)' VTSYTLNEVVPLKDVVPEWVRIGFSATTGAEFAAQEVHSWSFNSQLGHTSKS B,D
#
# COMPACT_ATOMS: atom_id res chain seq x y z
N THR A 1 -9.78 -12.49 -4.80
CA THR A 1 -9.79 -11.10 -5.27
C THR A 1 -8.92 -10.21 -4.42
N GLU A 2 -7.89 -9.61 -5.01
CA GLU A 2 -7.16 -8.49 -4.42
C GLU A 2 -7.39 -7.22 -5.24
N THR A 3 -7.65 -6.16 -4.54
CA THR A 3 -7.39 -4.91 -5.28
C THR A 3 -6.50 -4.01 -4.47
N THR A 4 -6.03 -2.97 -5.11
CA THR A 4 -5.20 -1.94 -4.46
C THR A 4 -5.42 -0.63 -5.22
N SER A 5 -5.41 0.42 -4.47
CA SER A 5 -5.68 1.73 -5.10
C SER A 5 -5.08 2.83 -4.28
N PHE A 6 -4.57 3.89 -4.88
CA PHE A 6 -3.99 5.04 -4.18
C PHE A 6 -3.90 6.26 -5.11
N SER A 7 -3.86 7.38 -4.52
CA SER A 7 -3.92 8.74 -5.09
C SER A 7 -3.10 9.68 -4.22
N ILE A 8 -2.13 10.32 -4.77
CA ILE A 8 -1.33 11.42 -4.20
C ILE A 8 -1.41 12.67 -5.04
N THR A 9 -1.95 13.77 -4.54
CA THR A 9 -2.03 14.94 -5.44
C THR A 9 -1.05 16.02 -5.01
N LYS A 10 -0.37 15.78 -3.95
CA LYS A 10 0.63 16.64 -3.29
C LYS A 10 1.55 15.78 -2.41
N PHE A 11 2.84 15.79 -2.60
CA PHE A 11 3.89 15.05 -1.91
C PHE A 11 4.40 15.79 -0.68
N SER A 12 4.37 15.11 0.44
CA SER A 12 4.88 15.55 1.73
C SER A 12 6.40 15.51 1.77
N PRO A 13 7.05 16.46 2.44
CA PRO A 13 8.46 16.24 2.78
C PRO A 13 8.68 14.83 3.28
N ASP A 14 7.73 14.30 4.08
CA ASP A 14 8.00 12.94 4.57
C ASP A 14 7.01 11.95 3.98
N GLN A 15 7.22 11.63 2.73
CA GLN A 15 6.29 10.65 2.12
C GLN A 15 6.75 9.25 2.49
N GLN A 16 6.19 8.77 3.60
CA GLN A 16 6.61 7.48 4.11
C GLN A 16 6.11 6.32 3.29
N ASN A 17 5.16 6.45 2.38
CA ASN A 17 4.79 5.27 1.57
C ASN A 17 5.50 5.28 0.22
N LEU A 18 6.59 5.99 0.05
CA LEU A 18 7.51 5.87 -1.08
C LEU A 18 8.89 5.43 -0.63
N ILE A 19 9.62 4.74 -1.48
CA ILE A 19 11.05 4.40 -1.39
C ILE A 19 11.84 5.27 -2.39
N PHE A 20 12.78 6.03 -1.89
CA PHE A 20 13.61 6.88 -2.74
C PHE A 20 14.98 6.23 -2.93
N GLN A 21 15.56 6.47 -4.08
CA GLN A 21 16.83 5.86 -4.51
C GLN A 21 17.56 6.88 -5.40
N GLY A 22 18.85 6.93 -5.36
CA GLY A 22 19.53 8.01 -6.16
C GLY A 22 19.16 9.37 -5.54
N ASP A 23 18.90 10.38 -6.34
CA ASP A 23 18.61 11.77 -5.99
C ASP A 23 17.12 11.96 -5.74
N GLY A 24 16.33 10.90 -5.86
CA GLY A 24 14.91 10.94 -5.56
C GLY A 24 14.62 11.76 -4.32
N TYR A 25 13.79 12.78 -4.34
CA TYR A 25 13.26 13.25 -3.05
C TYR A 25 12.01 14.07 -3.23
N THR A 26 11.30 14.49 -2.19
CA THR A 26 10.15 15.40 -2.26
C THR A 26 10.52 16.78 -1.69
N THR A 27 10.09 17.81 -2.33
CA THR A 27 10.27 19.26 -2.15
C THR A 27 9.08 19.99 -2.80
N LYS A 28 8.34 20.72 -2.04
CA LYS A 28 7.35 21.70 -2.48
C LYS A 28 6.09 21.03 -2.99
N GLY A 29 5.75 19.83 -2.46
CA GLY A 29 4.41 19.43 -3.04
C GLY A 29 4.75 18.53 -4.21
N LYS A 30 6.06 18.47 -4.58
CA LYS A 30 6.38 17.67 -5.74
C LYS A 30 7.45 16.64 -5.47
N LEU A 31 7.43 15.65 -6.34
CA LEU A 31 8.44 14.57 -6.34
C LEU A 31 9.54 14.89 -7.38
N THR A 32 10.73 15.16 -6.93
CA THR A 32 11.86 15.48 -7.83
C THR A 32 12.72 14.24 -8.07
N LEU A 33 12.91 13.78 -9.32
CA LEU A 33 13.76 12.56 -9.52
C LEU A 33 15.19 12.98 -9.84
N THR A 34 15.35 14.02 -10.67
CA THR A 34 16.62 14.74 -10.83
C THR A 34 16.41 16.23 -10.82
N LYS A 35 17.41 16.92 -10.31
CA LYS A 35 17.44 18.34 -10.74
C LYS A 35 18.22 18.42 -12.06
N ALA A 36 18.40 19.62 -12.56
CA ALA A 36 19.13 19.86 -13.80
C ALA A 36 20.63 19.92 -13.53
N VAL A 37 21.29 18.82 -13.30
CA VAL A 37 22.69 18.52 -12.99
C VAL A 37 23.19 17.36 -13.84
N LYS A 38 24.44 17.29 -14.22
CA LYS A 38 24.98 16.24 -15.09
C LYS A 38 25.03 14.92 -14.34
N SER A 39 24.87 13.87 -15.11
CA SER A 39 25.26 12.51 -14.74
C SER A 39 24.70 12.11 -13.40
N THR A 40 23.39 12.14 -13.29
CA THR A 40 22.74 11.77 -12.01
C THR A 40 21.53 10.87 -12.29
N VAL A 41 20.98 10.17 -11.32
CA VAL A 41 19.80 9.28 -11.34
C VAL A 41 18.96 9.52 -10.09
N GLY A 42 17.65 9.47 -10.30
CA GLY A 42 16.67 9.42 -9.20
C GLY A 42 15.61 8.38 -9.60
N ARG A 43 15.20 7.59 -8.63
CA ARG A 43 14.01 6.75 -8.71
C ARG A 43 13.20 6.91 -7.41
N ALA A 44 11.94 6.60 -7.50
CA ALA A 44 10.96 6.52 -6.39
C ALA A 44 10.00 5.37 -6.64
N LEU A 45 9.91 4.49 -5.66
CA LEU A 45 9.00 3.33 -5.86
C LEU A 45 7.82 3.49 -4.87
N TYR A 46 6.66 3.09 -5.27
CA TYR A 46 5.63 2.86 -4.23
C TYR A 46 6.02 1.70 -3.34
N SER A 47 5.83 1.93 -2.06
CA SER A 47 6.41 0.99 -1.10
C SER A 47 5.70 -0.34 -1.09
N THR A 48 4.42 -0.48 -1.32
CA THR A 48 3.75 -1.80 -1.21
C THR A 48 4.01 -2.65 -2.46
N PRO A 49 4.28 -3.92 -2.26
CA PRO A 49 4.34 -4.85 -3.40
C PRO A 49 2.95 -5.06 -3.96
N ILE A 50 2.80 -5.09 -5.23
CA ILE A 50 1.51 -5.32 -5.93
C ILE A 50 1.45 -6.78 -6.39
N HIS A 51 0.34 -7.43 -6.19
CA HIS A 51 0.12 -8.76 -6.80
C HIS A 51 -0.43 -8.60 -8.21
N ILE A 52 0.47 -8.82 -9.19
CA ILE A 52 0.23 -8.59 -10.61
C ILE A 52 -0.21 -9.82 -11.35
N TRP A 53 0.18 -11.08 -11.01
CA TRP A 53 -0.44 -12.31 -11.54
C TRP A 53 -0.47 -13.39 -10.48
N ASP A 54 -1.24 -14.45 -10.63
CA ASP A 54 -1.26 -15.52 -9.60
C ASP A 54 -0.89 -16.86 -10.22
N ARG A 55 0.19 -17.48 -9.88
CA ARG A 55 0.72 -18.78 -10.34
C ARG A 55 -0.34 -19.87 -10.25
N ASP A 56 -1.19 -19.84 -9.27
CA ASP A 56 -2.29 -20.68 -8.86
C ASP A 56 -3.47 -20.63 -9.80
N THR A 57 -3.89 -19.43 -10.11
CA THR A 57 -5.05 -19.28 -11.00
C THR A 57 -4.62 -19.10 -12.44
N GLY A 58 -3.44 -18.56 -12.65
CA GLY A 58 -2.99 -17.92 -13.89
C GLY A 58 -3.73 -16.65 -14.20
N ASN A 59 -4.49 -16.14 -13.23
CA ASN A 59 -5.03 -14.79 -13.46
C ASN A 59 -3.92 -13.76 -13.54
N VAL A 60 -4.20 -12.75 -14.35
CA VAL A 60 -3.33 -11.56 -14.35
C VAL A 60 -4.18 -10.32 -14.04
N ALA A 61 -3.63 -9.32 -13.40
CA ALA A 61 -4.30 -8.12 -12.92
C ALA A 61 -4.65 -7.19 -14.07
N ASN A 62 -5.79 -6.56 -14.10
CA ASN A 62 -5.92 -5.28 -14.81
C ASN A 62 -5.36 -4.15 -13.93
N PHE A 63 -4.76 -3.15 -14.58
CA PHE A 63 -4.33 -1.98 -13.79
C PHE A 63 -4.37 -0.73 -14.63
N VAL A 64 -4.50 0.42 -14.04
CA VAL A 64 -4.30 1.74 -14.64
C VAL A 64 -3.58 2.67 -13.70
N THR A 65 -2.59 3.38 -14.23
CA THR A 65 -1.95 4.47 -13.47
C THR A 65 -2.08 5.78 -14.22
N SER A 66 -2.27 6.88 -13.48
CA SER A 66 -2.07 8.15 -14.18
C SER A 66 -1.23 9.11 -13.37
N PHE A 67 -0.52 10.02 -14.03
CA PHE A 67 0.38 10.98 -13.39
C PHE A 67 0.65 12.19 -14.27
N THR A 68 1.08 13.22 -13.59
CA THR A 68 1.53 14.44 -14.26
C THR A 68 3.03 14.61 -14.05
N PHE A 69 3.75 14.92 -15.10
CA PHE A 69 5.18 15.18 -14.89
C PHE A 69 5.58 16.39 -15.71
N VAL A 70 6.70 16.90 -15.33
CA VAL A 70 7.28 18.02 -16.11
C VAL A 70 8.74 17.72 -16.38
N ILE A 71 9.15 17.99 -17.61
CA ILE A 71 10.61 18.00 -17.87
C ILE A 71 11.05 19.44 -18.14
N ASP A 72 12.03 19.91 -17.43
CA ASP A 72 12.50 21.32 -17.41
C ASP A 72 13.99 21.39 -17.74
N ALA A 73 14.31 21.59 -19.00
CA ALA A 73 15.68 21.49 -19.54
C ALA A 73 16.17 22.90 -19.91
N PRO A 74 17.44 23.10 -20.07
CA PRO A 74 17.93 24.49 -20.24
C PRO A 74 17.55 25.01 -21.62
N SER A 75 17.47 24.16 -22.61
CA SER A 75 16.82 24.47 -23.88
C SER A 75 16.35 23.17 -24.55
N SER A 76 15.75 23.35 -25.67
CA SER A 76 15.27 22.36 -26.62
C SER A 76 16.38 21.51 -27.20
N TYR A 77 17.60 21.96 -27.14
CA TYR A 77 18.75 21.21 -27.70
C TYR A 77 19.70 20.77 -26.63
N ASN A 78 19.55 21.25 -25.39
CA ASN A 78 20.25 20.65 -24.24
C ASN A 78 19.27 19.90 -23.35
N VAL A 79 18.90 18.65 -23.69
CA VAL A 79 18.01 17.84 -22.80
C VAL A 79 18.45 16.37 -22.85
N ALA A 80 18.66 15.74 -21.71
CA ALA A 80 18.88 14.27 -21.65
C ALA A 80 18.50 13.80 -20.24
N ASP A 81 18.31 12.57 -19.91
CA ASP A 81 18.20 11.41 -20.80
C ASP A 81 16.75 11.00 -20.99
N GLY A 82 15.98 11.25 -19.94
CA GLY A 82 14.54 11.01 -20.00
C GLY A 82 14.02 10.37 -18.68
N PHE A 83 12.89 9.77 -18.78
CA PHE A 83 11.97 9.59 -17.59
C PHE A 83 11.27 8.26 -17.78
N THR A 84 11.15 7.25 -16.87
CA THR A 84 10.27 6.10 -17.09
C THR A 84 9.26 5.99 -15.90
N PHE A 85 8.17 5.38 -16.25
CA PHE A 85 7.30 4.55 -15.39
C PHE A 85 7.65 3.08 -15.61
N PHE A 86 8.01 2.31 -14.55
CA PHE A 86 8.47 0.95 -14.74
C PHE A 86 7.81 0.00 -13.71
N ILE A 87 7.81 -1.24 -14.06
CA ILE A 87 7.33 -2.36 -13.20
C ILE A 87 8.44 -3.38 -13.03
N ALA A 88 8.75 -3.76 -11.82
CA ALA A 88 10.00 -4.54 -11.66
C ALA A 88 9.87 -5.43 -10.42
N PRO A 89 10.80 -6.34 -10.22
CA PRO A 89 10.74 -7.13 -8.99
C PRO A 89 10.85 -6.26 -7.75
N VAL A 90 10.42 -6.87 -6.64
CA VAL A 90 10.15 -6.12 -5.39
C VAL A 90 11.42 -5.51 -4.84
N ASP A 91 12.53 -6.21 -5.10
CA ASP A 91 13.81 -5.82 -4.52
C ASP A 91 14.64 -5.00 -5.52
N THR A 92 13.99 -4.29 -6.41
CA THR A 92 14.69 -3.64 -7.54
C THR A 92 15.61 -2.56 -7.07
N LYS A 93 16.81 -2.39 -7.62
CA LYS A 93 17.73 -1.26 -7.25
C LYS A 93 18.06 -0.46 -8.52
N PRO A 94 18.57 0.77 -8.48
CA PRO A 94 18.89 1.48 -9.75
C PRO A 94 19.83 0.66 -10.62
N GLN A 95 19.59 0.67 -11.93
CA GLN A 95 20.45 -0.09 -12.87
C GLN A 95 21.40 0.86 -13.57
N THR A 96 21.91 0.66 -14.75
CA THR A 96 22.80 1.67 -15.37
C THR A 96 22.07 2.96 -15.66
N GLY A 97 22.73 4.10 -15.38
CA GLY A 97 22.17 5.42 -15.64
C GLY A 97 22.37 5.88 -17.09
N GLY A 98 22.32 7.18 -17.30
CA GLY A 98 22.59 7.73 -18.67
C GLY A 98 21.53 7.16 -19.59
N GLY A 99 21.78 6.77 -20.82
CA GLY A 99 20.63 6.50 -21.70
C GLY A 99 20.02 5.16 -21.27
N TYR A 100 20.55 4.42 -20.30
CA TYR A 100 19.85 3.18 -19.86
C TYR A 100 18.79 3.53 -18.81
N LEU A 101 18.65 4.76 -18.44
CA LEU A 101 17.59 5.43 -17.69
C LEU A 101 17.49 4.86 -16.26
N GLY A 102 18.45 4.22 -15.68
CA GLY A 102 18.37 3.74 -14.23
C GLY A 102 17.64 2.42 -14.19
N VAL A 103 17.19 1.81 -15.29
CA VAL A 103 16.32 0.63 -15.26
C VAL A 103 16.89 -0.55 -15.98
N PHE A 104 17.77 -0.46 -16.96
CA PHE A 104 18.25 -1.60 -17.75
C PHE A 104 19.78 -1.56 -17.83
N ASN A 105 20.43 -2.54 -18.38
CA ASN A 105 21.89 -2.59 -18.45
C ASN A 105 22.38 -2.83 -19.87
N SER A 106 21.52 -3.17 -20.81
CA SER A 106 22.05 -3.54 -22.13
C SER A 106 20.94 -3.43 -23.18
N LYS A 107 21.26 -3.36 -24.48
CA LYS A 107 20.21 -3.26 -25.51
C LYS A 107 19.76 -4.64 -25.95
N GLU A 108 20.56 -5.63 -25.47
CA GLU A 108 20.24 -7.05 -25.68
C GLU A 108 19.20 -7.51 -24.65
N TYR A 109 18.26 -8.28 -25.06
CA TYR A 109 17.20 -8.95 -24.32
C TYR A 109 17.76 -9.76 -23.16
N ASP A 110 17.36 -9.35 -21.97
CA ASP A 110 18.08 -9.83 -20.74
C ASP A 110 17.02 -10.43 -19.82
N LYS A 111 16.76 -11.74 -19.87
CA LYS A 111 15.46 -12.18 -19.28
C LYS A 111 15.57 -12.16 -17.76
N THR A 112 16.78 -12.05 -17.23
CA THR A 112 16.94 -11.79 -15.81
C THR A 112 16.45 -10.44 -15.37
N SER A 113 16.19 -9.47 -16.20
CA SER A 113 15.80 -8.09 -15.81
C SER A 113 14.41 -8.11 -15.19
N GLN A 114 13.49 -8.83 -15.77
CA GLN A 114 12.10 -8.91 -15.34
C GLN A 114 11.51 -7.53 -15.07
N THR A 115 11.79 -6.61 -15.98
CA THR A 115 11.36 -5.21 -15.84
C THR A 115 10.63 -4.79 -17.11
N VAL A 116 9.45 -4.25 -17.00
CA VAL A 116 8.76 -3.56 -18.09
C VAL A 116 8.80 -2.06 -17.87
N ALA A 117 9.16 -1.23 -18.84
CA ALA A 117 9.17 0.23 -18.62
C ALA A 117 8.48 0.96 -19.77
N VAL A 118 7.82 2.06 -19.45
CA VAL A 118 7.40 3.02 -20.49
C VAL A 118 8.31 4.24 -20.44
N GLU A 119 9.09 4.49 -21.52
CA GLU A 119 10.04 5.59 -21.42
C GLU A 119 9.52 6.78 -22.26
N PHE A 120 9.90 7.91 -21.77
CA PHE A 120 9.77 9.25 -22.40
C PHE A 120 11.18 9.76 -22.65
N ASP A 121 11.67 9.38 -23.85
CA ASP A 121 13.15 9.36 -23.98
C ASP A 121 13.58 10.63 -24.73
N THR A 122 14.42 11.50 -24.23
CA THR A 122 14.66 12.85 -24.71
C THR A 122 16.00 12.98 -25.42
N PHE A 123 16.77 11.96 -25.62
CA PHE A 123 18.14 11.88 -26.11
C PHE A 123 18.39 10.69 -26.99
N TYR A 124 18.76 10.89 -28.26
CA TYR A 124 19.10 9.86 -29.26
C TYR A 124 20.42 9.19 -28.90
N ASN A 125 20.34 7.93 -28.51
CA ASN A 125 21.46 7.00 -28.37
C ASN A 125 21.53 6.13 -29.62
N ALA A 126 22.54 6.39 -30.40
CA ALA A 126 22.65 5.93 -31.79
C ALA A 126 22.58 4.40 -31.86
N ALA A 127 23.08 3.73 -30.83
CA ALA A 127 23.17 2.30 -30.66
C ALA A 127 21.86 1.58 -30.53
N TRP A 128 20.77 2.24 -30.19
CA TRP A 128 19.49 1.59 -29.95
C TRP A 128 18.31 2.49 -30.23
N ASP A 129 18.36 3.80 -30.19
CA ASP A 129 17.17 4.66 -30.36
C ASP A 129 16.75 4.69 -31.82
N PRO A 130 15.48 4.99 -32.11
CA PRO A 130 15.04 5.08 -33.52
C PRO A 130 15.85 6.13 -34.27
N SER A 131 16.12 5.81 -35.52
CA SER A 131 17.16 6.38 -36.39
C SER A 131 16.75 7.77 -36.89
N ASN A 132 15.44 8.02 -36.90
CA ASN A 132 14.95 9.37 -37.15
C ASN A 132 15.42 10.36 -36.11
N LYS A 133 16.07 9.85 -35.09
CA LYS A 133 16.65 10.68 -34.03
C LYS A 133 15.65 11.49 -33.27
N GLU A 134 14.33 11.26 -33.42
CA GLU A 134 13.51 12.11 -32.57
C GLU A 134 13.25 11.50 -31.22
N ARG A 135 12.77 12.39 -30.39
CA ARG A 135 12.33 12.11 -29.01
C ARG A 135 11.08 11.24 -29.06
N HIS A 136 10.85 10.40 -28.03
CA HIS A 136 9.83 9.39 -28.31
C HIS A 136 9.39 8.72 -27.00
N ILE A 137 8.18 8.23 -27.06
CA ILE A 137 7.60 7.31 -26.07
C ILE A 137 7.97 5.87 -26.44
N GLY A 138 8.43 5.02 -25.59
CA GLY A 138 8.69 3.60 -25.98
C GLY A 138 8.09 2.64 -24.94
N ILE A 139 7.71 1.46 -25.34
CA ILE A 139 7.49 0.28 -24.49
C ILE A 139 8.75 -0.60 -24.46
N ASP A 140 9.38 -0.78 -23.33
CA ASP A 140 10.61 -1.53 -23.09
C ASP A 140 10.36 -2.79 -22.29
N VAL A 141 10.77 -3.93 -22.78
CA VAL A 141 10.63 -5.24 -22.16
C VAL A 141 11.98 -5.95 -22.07
N ASN A 142 12.58 -5.90 -20.91
CA ASN A 142 13.87 -6.52 -20.57
C ASN A 142 15.01 -5.95 -21.39
N SER A 143 14.92 -4.73 -21.94
CA SER A 143 15.91 -4.16 -22.90
C SER A 143 15.69 -2.64 -22.98
N ILE A 144 16.70 -1.81 -23.15
CA ILE A 144 16.65 -0.39 -23.49
C ILE A 144 16.21 -0.12 -24.90
N LYS A 145 16.30 -1.14 -25.75
CA LYS A 145 15.77 -0.98 -27.13
C LYS A 145 14.26 -1.23 -27.13
N SER A 146 13.40 -0.27 -27.29
CA SER A 146 11.95 -0.39 -27.16
C SER A 146 11.37 -1.44 -28.08
N VAL A 147 10.26 -2.11 -27.79
CA VAL A 147 9.61 -2.96 -28.81
C VAL A 147 8.77 -2.14 -29.77
N ASN A 148 8.33 -0.99 -29.29
CA ASN A 148 7.48 -0.01 -30.00
C ASN A 148 7.79 1.39 -29.51
N THR A 149 7.85 2.34 -30.42
CA THR A 149 8.12 3.75 -30.16
C THR A 149 7.13 4.62 -30.91
N LYS A 150 6.78 5.73 -30.34
CA LYS A 150 6.00 6.82 -30.95
C LYS A 150 6.84 8.10 -30.88
N SER A 151 7.18 8.76 -31.96
CA SER A 151 7.73 10.12 -31.93
C SER A 151 6.89 11.07 -31.11
N TRP A 152 7.62 11.94 -30.40
CA TRP A 152 6.88 12.82 -29.43
C TRP A 152 7.63 14.15 -29.37
N ASN A 153 6.93 15.25 -29.41
CA ASN A 153 7.60 16.56 -29.30
C ASN A 153 7.62 17.04 -27.86
N LEU A 154 8.70 17.01 -27.18
CA LEU A 154 8.86 17.58 -25.84
C LEU A 154 8.36 19.02 -25.81
N GLN A 155 7.45 19.34 -24.96
CA GLN A 155 7.16 20.76 -24.63
C GLN A 155 7.81 21.11 -23.30
N ASN A 156 8.94 21.70 -23.33
CA ASN A 156 9.86 22.00 -22.21
C ASN A 156 9.13 22.81 -21.16
N GLY A 157 9.12 22.43 -19.89
CA GLY A 157 8.56 23.15 -18.74
C GLY A 157 7.05 22.96 -18.57
N GLU A 158 6.35 22.34 -19.49
CA GLU A 158 4.91 22.08 -19.51
C GLU A 158 4.58 20.76 -18.79
N ARG A 159 3.35 20.75 -18.28
CA ARG A 159 2.85 19.57 -17.55
C ARG A 159 2.22 18.58 -18.51
N ALA A 160 2.74 17.37 -18.60
CA ALA A 160 2.06 16.32 -19.42
C ALA A 160 1.18 15.49 -18.51
N ASN A 161 0.00 15.10 -18.92
CA ASN A 161 -0.76 14.09 -18.17
C ASN A 161 -0.60 12.74 -18.87
N VAL A 162 -0.16 11.78 -18.15
CA VAL A 162 -0.04 10.40 -18.69
C VAL A 162 -1.06 9.48 -18.08
N VAL A 163 -1.70 8.75 -18.95
CA VAL A 163 -2.32 7.53 -18.42
C VAL A 163 -1.70 6.29 -19.03
N ILE A 164 -1.39 5.28 -18.25
CA ILE A 164 -0.97 3.96 -18.77
C ILE A 164 -1.93 2.87 -18.29
N ALA A 165 -2.46 2.01 -19.07
CA ALA A 165 -3.50 1.03 -18.74
C ALA A 165 -3.10 -0.35 -19.25
N PHE A 166 -3.31 -1.41 -18.55
CA PHE A 166 -2.99 -2.76 -19.00
C PHE A 166 -4.28 -3.61 -18.98
N ASN A 167 -4.79 -4.11 -20.05
CA ASN A 167 -5.88 -5.07 -20.19
C ASN A 167 -5.36 -6.50 -20.25
N ALA A 168 -5.58 -7.26 -19.17
CA ALA A 168 -5.29 -8.63 -18.84
C ALA A 168 -5.89 -9.62 -19.83
N ALA A 169 -7.07 -9.34 -20.36
CA ALA A 169 -7.79 -10.22 -21.29
C ALA A 169 -7.10 -10.25 -22.64
N THR A 170 -6.29 -9.26 -22.87
CA THR A 170 -5.85 -8.85 -24.23
C THR A 170 -4.35 -8.75 -24.27
N ASN A 171 -3.80 -8.60 -23.09
CA ASN A 171 -2.38 -8.35 -22.85
C ASN A 171 -1.95 -7.08 -23.57
N VAL A 172 -2.86 -6.20 -23.84
CA VAL A 172 -2.42 -4.93 -24.43
C VAL A 172 -2.14 -3.88 -23.37
N LEU A 173 -0.98 -3.31 -23.41
CA LEU A 173 -0.54 -2.12 -22.63
C LEU A 173 -0.76 -0.84 -23.41
N THR A 174 -1.60 0.09 -23.03
CA THR A 174 -1.78 1.34 -23.75
C THR A 174 -1.19 2.52 -23.01
N VAL A 175 -0.53 3.43 -23.71
CA VAL A 175 0.02 4.66 -23.10
C VAL A 175 -0.52 5.90 -23.78
N THR A 176 -1.09 6.90 -23.09
CA THR A 176 -1.40 8.14 -23.74
C THR A 176 -0.75 9.32 -23.02
N LEU A 177 -0.18 10.24 -23.75
CA LEU A 177 0.39 11.45 -23.15
C LEU A 177 -0.32 12.68 -23.74
N THR A 178 -0.70 13.59 -22.90
CA THR A 178 -1.53 14.74 -23.30
C THR A 178 -0.89 16.04 -22.84
N TYR A 179 -0.77 17.01 -23.66
CA TYR A 179 -0.42 18.38 -23.22
C TYR A 179 -1.63 19.30 -23.34
N PRO A 180 -1.85 20.30 -22.52
CA PRO A 180 -2.94 21.26 -22.58
C PRO A 180 -3.00 22.03 -23.87
N ASN A 181 -1.97 22.63 -24.45
CA ASN A 181 -2.15 23.27 -25.78
C ASN A 181 -1.63 22.35 -26.88
N VAL B 1 -5.28 21.19 -27.14
CA VAL B 1 -4.80 19.94 -26.52
C VAL B 1 -3.94 19.15 -27.49
N THR B 2 -2.79 18.65 -27.13
CA THR B 2 -1.93 17.78 -27.97
C THR B 2 -1.81 16.39 -27.35
N SER B 3 -2.13 15.27 -28.01
CA SER B 3 -1.84 13.97 -27.44
C SER B 3 -1.17 13.02 -28.40
N TYR B 4 -0.59 12.01 -27.74
CA TYR B 4 0.13 10.87 -28.29
C TYR B 4 -0.32 9.58 -27.57
N THR B 5 -0.55 8.55 -28.32
CA THR B 5 -0.97 7.22 -27.92
C THR B 5 -0.10 6.17 -28.59
N LEU B 6 0.24 5.22 -27.83
CA LEU B 6 1.03 4.05 -28.28
C LEU B 6 0.44 2.78 -27.66
N ASN B 7 0.24 1.71 -28.39
CA ASN B 7 -0.02 0.43 -27.77
C ASN B 7 0.88 -0.68 -28.26
N GLU B 8 0.99 -1.70 -27.44
CA GLU B 8 1.76 -2.93 -27.66
C GLU B 8 1.20 -4.07 -26.86
N VAL B 9 1.14 -5.25 -27.41
CA VAL B 9 0.97 -6.45 -26.60
C VAL B 9 2.23 -6.78 -25.82
N VAL B 10 2.13 -6.89 -24.49
CA VAL B 10 3.13 -7.30 -23.51
C VAL B 10 2.69 -8.50 -22.71
N PRO B 11 3.30 -9.70 -22.73
CA PRO B 11 2.73 -10.80 -21.90
C PRO B 11 3.36 -10.77 -20.50
N LEU B 12 2.82 -9.99 -19.61
CA LEU B 12 3.39 -9.63 -18.28
C LEU B 12 3.72 -10.91 -17.49
N LYS B 13 2.84 -11.92 -17.50
CA LYS B 13 3.02 -13.16 -16.72
C LYS B 13 4.31 -13.85 -17.13
N ASP B 14 4.73 -13.57 -18.37
CA ASP B 14 5.96 -14.15 -18.89
C ASP B 14 7.17 -13.27 -18.67
N VAL B 15 7.06 -12.05 -18.19
CA VAL B 15 8.21 -11.13 -18.07
C VAL B 15 8.47 -10.78 -16.63
N VAL B 16 7.49 -10.55 -15.78
CA VAL B 16 7.62 -10.01 -14.41
C VAL B 16 7.25 -11.07 -13.37
N PRO B 17 7.79 -10.99 -12.14
CA PRO B 17 7.40 -11.95 -11.08
C PRO B 17 5.98 -11.75 -10.67
N GLU B 18 5.42 -12.68 -9.92
CA GLU B 18 4.03 -12.51 -9.48
C GLU B 18 3.90 -11.23 -8.64
N TRP B 19 4.92 -10.83 -7.90
CA TRP B 19 4.80 -9.60 -7.08
C TRP B 19 5.87 -8.58 -7.55
N VAL B 20 5.48 -7.33 -7.52
CA VAL B 20 6.29 -6.29 -8.14
C VAL B 20 6.23 -5.00 -7.32
N ARG B 21 7.17 -4.13 -7.54
CA ARG B 21 7.05 -2.70 -7.22
C ARG B 21 7.00 -1.86 -8.50
N ILE B 22 6.19 -0.85 -8.54
CA ILE B 22 5.99 0.18 -9.57
C ILE B 22 6.67 1.48 -9.18
N GLY B 23 7.12 2.25 -10.17
CA GLY B 23 7.97 3.38 -9.74
C GLY B 23 8.28 4.22 -11.01
N PHE B 24 9.00 5.25 -10.81
CA PHE B 24 9.51 6.19 -11.83
C PHE B 24 11.03 6.20 -11.76
N SER B 25 11.62 6.39 -12.93
CA SER B 25 13.09 6.60 -12.89
C SER B 25 13.43 7.85 -13.71
N ALA B 26 14.51 8.55 -13.42
CA ALA B 26 14.94 9.50 -14.48
C ALA B 26 16.45 9.60 -14.44
N THR B 27 17.09 9.93 -15.54
CA THR B 27 18.56 10.10 -15.48
C THR B 27 18.92 11.34 -16.32
N THR B 28 20.07 11.89 -16.11
CA THR B 28 20.73 12.92 -16.94
C THR B 28 22.09 12.45 -17.42
N GLY B 29 22.73 13.01 -18.43
CA GLY B 29 24.13 12.63 -18.74
C GLY B 29 25.00 13.91 -18.73
N ALA B 30 25.77 14.10 -19.75
CA ALA B 30 26.40 15.32 -20.25
C ALA B 30 25.39 16.44 -20.49
N GLU B 31 24.32 16.22 -21.21
CA GLU B 31 23.08 16.99 -21.23
C GLU B 31 22.14 16.58 -20.10
N PHE B 32 21.34 17.52 -19.55
CA PHE B 32 20.54 17.24 -18.36
C PHE B 32 19.29 18.08 -18.30
N ALA B 33 18.48 17.81 -17.30
CA ALA B 33 17.17 18.45 -17.11
C ALA B 33 16.60 17.93 -15.77
N ALA B 34 15.79 18.79 -15.21
CA ALA B 34 14.94 18.44 -14.07
C ALA B 34 13.73 17.67 -14.51
N GLN B 35 13.48 16.60 -13.73
CA GLN B 35 12.39 15.64 -13.93
C GLN B 35 11.60 15.48 -12.63
N GLU B 36 10.36 15.92 -12.72
CA GLU B 36 9.49 16.08 -11.52
C GLU B 36 8.13 15.45 -11.78
N VAL B 37 7.49 14.93 -10.77
CA VAL B 37 6.10 14.42 -10.86
C VAL B 37 5.23 15.15 -9.85
N HIS B 38 4.08 15.58 -10.32
CA HIS B 38 3.21 16.46 -9.55
C HIS B 38 2.07 15.71 -8.89
N SER B 39 1.63 14.63 -9.46
CA SER B 39 0.53 13.80 -8.94
C SER B 39 0.68 12.36 -9.43
N TRP B 40 0.18 11.41 -8.65
CA TRP B 40 0.24 10.00 -9.07
C TRP B 40 -0.96 9.24 -8.54
N SER B 41 -1.75 8.63 -9.38
CA SER B 41 -2.87 7.76 -9.07
C SER B 41 -2.68 6.35 -9.54
N PHE B 42 -3.11 5.27 -8.85
CA PHE B 42 -2.92 3.87 -9.29
C PHE B 42 -4.06 2.98 -8.80
N ASN B 43 -4.54 2.06 -9.58
CA ASN B 43 -5.53 1.03 -9.28
C ASN B 43 -5.26 -0.27 -10.00
N SER B 44 -5.17 -1.40 -9.29
CA SER B 44 -5.25 -2.71 -9.97
C SER B 44 -6.19 -3.65 -9.22
N GLN B 45 -6.58 -4.67 -9.91
CA GLN B 45 -7.52 -5.73 -9.56
C GLN B 45 -7.02 -7.07 -10.12
N LEU B 46 -6.75 -7.97 -9.27
CA LEU B 46 -6.31 -9.35 -9.58
C LEU B 46 -7.48 -10.31 -9.24
N GLY B 47 -8.10 -10.96 -10.18
CA GLY B 47 -9.12 -11.99 -9.96
C GLY B 47 -10.55 -11.62 -9.97
N THR C 1 -4.31 16.16 -1.18
CA THR C 1 -5.08 14.94 -1.13
C THR C 1 -4.24 13.71 -1.30
N GLU C 2 -4.77 12.72 -0.61
CA GLU C 2 -4.04 11.44 -0.52
C GLU C 2 -5.00 10.34 -0.09
N THR C 3 -5.15 9.35 -0.93
CA THR C 3 -6.10 8.26 -0.63
C THR C 3 -5.44 6.90 -0.77
N THR C 4 -5.99 5.88 -0.15
CA THR C 4 -5.43 4.51 -0.16
C THR C 4 -6.63 3.54 -0.02
N SER C 5 -6.77 2.55 -0.78
CA SER C 5 -7.72 1.45 -0.75
C SER C 5 -7.03 0.12 -1.07
N PHE C 6 -7.59 -0.92 -0.50
CA PHE C 6 -7.17 -2.32 -0.69
C PHE C 6 -8.28 -3.25 -0.20
N SER C 7 -8.50 -4.32 -0.81
CA SER C 7 -9.41 -5.44 -0.52
C SER C 7 -8.69 -6.76 -0.77
N ILE C 8 -8.60 -7.58 0.25
CA ILE C 8 -8.25 -8.99 0.08
C ILE C 8 -9.40 -9.90 0.46
N THR C 9 -9.95 -10.53 -0.55
CA THR C 9 -11.08 -11.43 -0.21
C THR C 9 -10.52 -12.84 -0.05
N LYS C 10 -9.16 -12.86 -0.18
CA LYS C 10 -8.68 -14.24 -0.05
C LYS C 10 -7.17 -14.28 -0.17
N PHE C 11 -6.59 -14.76 0.92
CA PHE C 11 -5.20 -14.69 1.34
C PHE C 11 -4.36 -15.80 0.70
N SER C 12 -3.40 -15.37 -0.03
CA SER C 12 -2.29 -16.16 -0.57
C SER C 12 -1.41 -16.72 0.53
N PRO C 13 -0.91 -17.93 0.31
CA PRO C 13 0.07 -18.49 1.27
C PRO C 13 1.36 -17.69 1.21
N ASP C 14 1.51 -16.83 0.20
CA ASP C 14 2.59 -15.85 0.21
C ASP C 14 2.10 -14.43 -0.06
N GLN C 15 1.78 -13.77 1.03
CA GLN C 15 1.07 -12.47 1.00
C GLN C 15 2.11 -11.37 1.26
N GLN C 16 2.83 -10.97 0.20
CA GLN C 16 3.99 -10.11 0.44
C GLN C 16 3.58 -8.70 0.83
N ASN C 17 2.33 -8.27 0.77
CA ASN C 17 1.94 -6.96 1.33
C ASN C 17 1.46 -7.06 2.76
N LEU C 18 1.63 -8.09 3.51
CA LEU C 18 1.36 -8.21 4.96
C LEU C 18 2.69 -8.43 5.71
N ILE C 19 2.81 -7.89 6.91
CA ILE C 19 3.88 -8.21 7.90
C ILE C 19 3.29 -9.17 8.95
N PHE C 20 3.85 -10.35 9.10
CA PHE C 20 3.37 -11.31 10.10
C PHE C 20 4.22 -11.22 11.35
N GLN C 21 3.64 -11.11 12.52
CA GLN C 21 4.39 -11.18 13.79
C GLN C 21 3.87 -12.31 14.65
N GLY C 22 4.73 -12.90 15.45
CA GLY C 22 4.43 -14.13 16.15
C GLY C 22 3.95 -15.28 15.32
N ASP C 23 2.78 -15.85 15.61
CA ASP C 23 2.31 -17.06 14.95
C ASP C 23 1.56 -16.71 13.66
N GLY C 24 1.43 -15.42 13.41
CA GLY C 24 0.41 -15.06 12.36
C GLY C 24 0.87 -15.79 11.08
N TYR C 25 0.04 -16.41 10.29
CA TYR C 25 0.35 -16.89 8.93
C TYR C 25 -0.87 -16.95 8.05
N THR C 26 -0.78 -17.23 6.75
CA THR C 26 -1.88 -17.65 5.87
C THR C 26 -1.72 -19.13 5.50
N THR C 27 -2.79 -19.81 5.63
CA THR C 27 -3.29 -21.12 5.26
C THR C 27 -4.66 -20.97 4.59
N LYS C 28 -4.70 -21.51 3.41
CA LYS C 28 -5.97 -22.13 2.94
C LYS C 28 -6.97 -21.03 2.60
N GLY C 29 -6.35 -19.87 2.26
CA GLY C 29 -7.23 -18.75 1.88
C GLY C 29 -7.46 -17.80 3.05
N LYS C 30 -6.99 -18.20 4.26
CA LYS C 30 -7.28 -17.38 5.41
C LYS C 30 -6.05 -16.97 6.17
N LEU C 31 -6.27 -15.88 6.92
CA LEU C 31 -5.27 -15.29 7.83
C LEU C 31 -5.46 -15.85 9.24
N THR C 32 -4.57 -16.68 9.72
CA THR C 32 -4.63 -17.26 11.07
C THR C 32 -3.75 -16.43 12.00
N LEU C 33 -4.33 -15.79 13.01
CA LEU C 33 -3.51 -15.13 14.04
C LEU C 33 -3.04 -16.10 15.11
N THR C 34 -3.91 -16.96 15.66
CA THR C 34 -3.58 -18.08 16.52
C THR C 34 -4.24 -19.37 16.06
N LYS C 35 -3.47 -20.46 16.23
CA LYS C 35 -4.12 -21.77 16.40
C LYS C 35 -4.80 -21.80 17.78
N ALA C 36 -5.55 -22.86 17.95
CA ALA C 36 -6.20 -23.18 19.25
C ALA C 36 -5.18 -23.84 20.17
N VAL C 37 -4.14 -23.17 20.51
CA VAL C 37 -2.96 -23.44 21.33
C VAL C 37 -2.86 -22.37 22.42
N LYS C 38 -2.20 -22.77 23.50
CA LYS C 38 -2.44 -21.76 24.55
C LYS C 38 -1.21 -20.92 24.76
N SER C 39 -1.30 -19.87 25.51
CA SER C 39 -0.29 -18.81 25.69
C SER C 39 0.38 -18.47 24.37
N THR C 40 -0.34 -18.06 23.32
CA THR C 40 0.34 -17.67 22.08
C THR C 40 -0.06 -16.30 21.59
N VAL C 41 0.67 -15.58 20.71
CA VAL C 41 0.25 -14.30 20.09
C VAL C 41 0.49 -14.36 18.59
N GLY C 42 -0.40 -13.76 17.83
CA GLY C 42 -0.08 -13.56 16.41
C GLY C 42 -0.48 -12.12 16.07
N ARG C 43 0.16 -11.45 15.16
CA ARG C 43 -0.27 -10.19 14.54
C ARG C 43 0.08 -10.20 13.04
N ALA C 44 -0.66 -9.46 12.25
CA ALA C 44 -0.55 -9.14 10.84
C ALA C 44 -0.86 -7.66 10.59
N LEU C 45 0.15 -6.92 10.17
CA LEU C 45 0.07 -5.51 9.74
C LEU C 45 0.01 -5.49 8.19
N TYR C 46 -0.80 -4.61 7.74
CA TYR C 46 -0.71 -4.11 6.35
C TYR C 46 0.59 -3.40 6.14
N SER C 47 1.33 -3.69 5.08
CA SER C 47 2.73 -3.29 5.07
C SER C 47 2.93 -1.80 4.91
N THR C 48 2.00 -1.11 4.29
CA THR C 48 2.24 0.27 3.84
C THR C 48 1.88 1.26 4.94
N PRO C 49 2.73 2.25 5.16
CA PRO C 49 2.37 3.28 6.17
C PRO C 49 1.19 4.08 5.66
N ILE C 50 0.23 4.26 6.54
CA ILE C 50 -0.89 5.13 6.29
C ILE C 50 -0.73 6.50 6.92
N HIS C 51 -1.06 7.45 6.11
CA HIS C 51 -1.06 8.89 6.42
C HIS C 51 -2.41 9.28 6.99
N ILE C 52 -2.40 9.30 8.32
CA ILE C 52 -3.58 9.43 9.16
C ILE C 52 -3.90 10.85 9.53
N TRP C 53 -2.95 11.76 9.75
CA TRP C 53 -3.21 13.20 9.83
C TRP C 53 -2.06 14.01 9.29
N ASP C 54 -2.22 15.31 9.13
CA ASP C 54 -1.12 16.01 8.44
C ASP C 54 -0.67 17.22 9.24
N ARG C 55 0.55 17.27 9.73
CA ARG C 55 0.94 18.27 10.74
C ARG C 55 0.87 19.68 10.17
N ASP C 56 1.17 19.94 8.95
CA ASP C 56 1.03 20.94 7.91
C ASP C 56 -0.31 21.65 7.99
N THR C 57 -1.36 20.85 7.85
CA THR C 57 -2.73 21.38 7.80
C THR C 57 -3.54 21.07 9.02
N GLY C 58 -3.10 20.19 9.89
CA GLY C 58 -3.89 19.46 10.84
C GLY C 58 -5.18 18.87 10.30
N ASN C 59 -5.34 18.60 9.02
CA ASN C 59 -6.26 17.59 8.51
C ASN C 59 -6.04 16.22 9.12
N VAL C 60 -7.20 15.59 9.22
CA VAL C 60 -7.26 14.20 9.69
C VAL C 60 -8.10 13.40 8.71
N ALA C 61 -7.68 12.17 8.40
CA ALA C 61 -8.30 11.20 7.50
C ALA C 61 -9.65 10.75 8.00
N ASN C 62 -10.61 10.66 7.12
CA ASN C 62 -11.71 9.68 7.20
C ASN C 62 -11.22 8.30 6.78
N PHE C 63 -11.67 7.27 7.44
CA PHE C 63 -11.27 5.90 7.06
C PHE C 63 -12.41 4.94 7.35
N VAL C 64 -12.41 3.86 6.64
CA VAL C 64 -13.32 2.74 6.97
C VAL C 64 -12.67 1.42 6.70
N THR C 65 -12.84 0.48 7.60
CA THR C 65 -12.34 -0.89 7.37
C THR C 65 -13.47 -1.90 7.54
N SER C 66 -13.49 -2.93 6.74
CA SER C 66 -14.43 -4.05 6.74
C SER C 66 -13.70 -5.37 6.85
N PHE C 67 -14.12 -6.28 7.75
CA PHE C 67 -13.44 -7.56 7.78
C PHE C 67 -14.33 -8.69 8.27
N THR C 68 -14.01 -9.90 7.95
CA THR C 68 -14.76 -11.08 8.40
C THR C 68 -13.85 -11.95 9.27
N PHE C 69 -14.22 -12.35 10.46
CA PHE C 69 -13.40 -13.16 11.36
C PHE C 69 -14.19 -14.27 11.99
N VAL C 70 -13.41 -15.23 12.41
CA VAL C 70 -14.08 -16.35 13.15
C VAL C 70 -13.29 -16.68 14.38
N ILE C 71 -13.96 -16.73 15.53
CA ILE C 71 -13.23 -17.34 16.69
C ILE C 71 -13.77 -18.76 16.89
N ASP C 72 -12.91 -19.74 16.93
CA ASP C 72 -13.18 -21.17 17.02
C ASP C 72 -12.67 -21.73 18.34
N ALA C 73 -13.50 -21.80 19.39
CA ALA C 73 -12.98 -22.26 20.69
C ALA C 73 -13.47 -23.66 20.99
N PRO C 74 -12.80 -24.46 21.79
CA PRO C 74 -13.24 -25.81 22.17
C PRO C 74 -14.61 -25.82 22.78
N SER C 75 -14.99 -24.74 23.43
CA SER C 75 -16.30 -24.76 24.12
C SER C 75 -16.69 -23.35 24.49
N SER C 76 -17.95 -23.08 24.68
CA SER C 76 -18.42 -21.76 25.09
C SER C 76 -17.84 -21.33 26.42
N TYR C 77 -17.17 -22.20 27.15
CA TYR C 77 -16.71 -21.77 28.50
C TYR C 77 -15.22 -22.04 28.62
N ASN C 78 -14.61 -22.42 27.50
CA ASN C 78 -13.15 -22.39 27.47
C ASN C 78 -12.70 -21.57 26.25
N VAL C 79 -12.53 -20.28 26.45
CA VAL C 79 -12.16 -19.29 25.41
C VAL C 79 -11.40 -18.11 26.05
N ALA C 80 -10.29 -17.73 25.52
CA ALA C 80 -9.34 -16.66 25.90
C ALA C 80 -8.45 -16.37 24.67
N ASP C 81 -7.86 -15.26 24.50
CA ASP C 81 -8.09 -14.01 25.22
C ASP C 81 -8.96 -13.07 24.41
N GLY C 82 -8.76 -13.15 23.10
CA GLY C 82 -9.56 -12.34 22.15
C GLY C 82 -8.73 -11.80 20.98
N PHE C 83 -9.29 -10.79 20.31
CA PHE C 83 -8.81 -10.44 18.94
C PHE C 83 -8.87 -8.93 18.79
N THR C 84 -7.96 -8.16 18.18
CA THR C 84 -8.20 -6.73 18.03
C THR C 84 -7.96 -6.30 16.57
N PHE C 85 -8.58 -5.24 16.21
CA PHE C 85 -8.08 -4.39 15.11
C PHE C 85 -7.35 -3.18 15.70
N PHE C 86 -6.12 -2.87 15.29
CA PHE C 86 -5.48 -1.73 15.93
C PHE C 86 -4.78 -0.82 14.94
N ILE C 87 -4.46 0.34 15.46
CA ILE C 87 -3.71 1.36 14.68
C ILE C 87 -2.50 1.82 15.47
N ALA C 88 -1.31 1.82 14.91
CA ALA C 88 -0.17 2.05 15.84
C ALA C 88 0.98 2.70 15.09
N PRO C 89 2.06 3.07 15.73
CA PRO C 89 3.17 3.68 14.98
C PRO C 89 3.81 2.67 14.06
N VAL C 90 4.57 3.07 13.02
CA VAL C 90 4.88 2.21 11.87
C VAL C 90 5.78 1.07 12.32
N ASP C 91 6.51 1.38 13.38
CA ASP C 91 7.49 0.47 13.96
C ASP C 91 6.91 -0.45 15.00
N THR C 92 5.64 -0.58 15.17
CA THR C 92 4.98 -1.40 16.20
C THR C 92 5.42 -2.84 16.13
N LYS C 93 5.72 -3.41 17.29
CA LYS C 93 5.84 -4.88 17.36
C LYS C 93 4.99 -5.41 18.51
N PRO C 94 4.86 -6.72 18.74
CA PRO C 94 4.00 -7.26 19.81
C PRO C 94 4.35 -6.71 21.16
N GLN C 95 3.30 -6.23 21.87
CA GLN C 95 3.52 -5.88 23.30
C GLN C 95 3.22 -7.08 24.18
N THR C 96 2.67 -6.89 25.39
CA THR C 96 2.40 -8.00 26.31
C THR C 96 1.27 -8.87 25.79
N GLY C 97 1.34 -10.17 26.09
CA GLY C 97 0.45 -11.25 25.60
C GLY C 97 -0.75 -11.47 26.51
N GLY C 98 -1.56 -12.52 26.30
CA GLY C 98 -2.59 -12.87 27.31
C GLY C 98 -3.61 -11.71 27.35
N GLY C 99 -4.10 -11.30 28.50
CA GLY C 99 -5.20 -10.33 28.61
C GLY C 99 -4.79 -9.03 27.94
N TYR C 100 -3.51 -8.79 27.62
CA TYR C 100 -3.16 -7.47 27.09
C TYR C 100 -3.18 -7.52 25.54
N LEU C 101 -3.49 -8.65 25.01
CA LEU C 101 -3.94 -8.88 23.64
C LEU C 101 -2.79 -8.59 22.65
N GLY C 102 -1.57 -8.49 23.06
CA GLY C 102 -0.44 -8.30 22.13
C GLY C 102 -0.26 -6.86 21.75
N VAL C 103 -1.02 -5.92 22.29
CA VAL C 103 -0.98 -4.51 21.91
C VAL C 103 -0.70 -3.57 23.05
N PHE C 104 -0.87 -3.89 24.33
CA PHE C 104 -0.69 -2.92 25.42
C PHE C 104 0.10 -3.54 26.56
N ASN C 105 0.58 -2.75 27.51
CA ASN C 105 1.42 -3.27 28.62
C ASN C 105 0.80 -2.95 29.98
N SER C 106 -0.19 -2.11 30.09
CA SER C 106 -0.75 -1.54 31.31
C SER C 106 -2.23 -1.20 31.13
N LYS C 107 -2.97 -1.22 32.26
CA LYS C 107 -4.31 -0.67 32.44
C LYS C 107 -4.31 0.84 32.66
N GLU C 108 -3.13 1.41 33.01
CA GLU C 108 -3.00 2.86 33.13
C GLU C 108 -2.64 3.45 31.75
N TYR C 109 -3.15 4.61 31.58
CA TYR C 109 -2.92 5.49 30.45
C TYR C 109 -1.43 5.76 30.27
N ASP C 110 -0.98 5.34 29.15
CA ASP C 110 0.40 5.27 28.63
C ASP C 110 0.47 6.09 27.35
N LYS C 111 0.75 7.41 27.32
CA LYS C 111 0.65 8.08 26.03
C LYS C 111 1.82 7.79 25.11
N THR C 112 2.89 7.20 25.60
CA THR C 112 3.93 6.63 24.75
C THR C 112 3.45 5.41 24.00
N SER C 113 2.27 4.90 24.23
CA SER C 113 1.82 3.73 23.45
C SER C 113 1.34 4.15 22.08
N GLN C 114 0.68 5.27 21.91
CA GLN C 114 0.22 5.84 20.64
C GLN C 114 -0.53 4.81 19.81
N THR C 115 -1.31 4.00 20.46
CA THR C 115 -2.06 2.88 19.83
C THR C 115 -3.54 3.01 20.20
N VAL C 116 -4.44 3.07 19.28
CA VAL C 116 -5.89 2.83 19.40
C VAL C 116 -6.20 1.41 18.96
N ALA C 117 -6.93 0.67 19.81
CA ALA C 117 -7.34 -0.65 19.35
C ALA C 117 -8.84 -0.84 19.47
N VAL C 118 -9.44 -1.66 18.62
CA VAL C 118 -10.81 -2.16 18.85
C VAL C 118 -10.79 -3.61 19.26
N GLU C 119 -11.21 -3.97 20.51
CA GLU C 119 -11.00 -5.32 21.03
C GLU C 119 -12.32 -6.09 21.05
N PHE C 120 -12.24 -7.33 20.74
CA PHE C 120 -13.27 -8.37 20.85
C PHE C 120 -12.82 -9.39 21.88
N ASP C 121 -13.23 -8.99 23.11
CA ASP C 121 -12.55 -9.56 24.31
C ASP C 121 -13.43 -10.68 24.88
N THR C 122 -12.89 -11.85 24.91
CA THR C 122 -13.57 -13.12 25.14
C THR C 122 -13.29 -13.65 26.55
N PHE C 123 -12.49 -13.04 27.40
CA PHE C 123 -12.05 -13.51 28.72
C PHE C 123 -12.00 -12.37 29.72
N TYR C 124 -12.53 -12.58 30.91
CA TYR C 124 -12.66 -11.58 31.97
C TYR C 124 -11.37 -11.49 32.78
N ASN C 125 -10.66 -10.38 32.64
CA ASN C 125 -9.55 -9.99 33.49
C ASN C 125 -10.04 -9.00 34.55
N ALA C 126 -10.10 -9.58 35.71
CA ALA C 126 -10.65 -8.95 36.91
C ALA C 126 -9.98 -7.62 37.21
N ALA C 127 -8.68 -7.46 36.88
CA ALA C 127 -7.93 -6.22 37.06
C ALA C 127 -8.44 -5.07 36.26
N TRP C 128 -9.20 -5.24 35.19
CA TRP C 128 -9.54 -4.08 34.36
C TRP C 128 -10.81 -4.30 33.57
N ASP C 129 -11.34 -5.51 33.46
CA ASP C 129 -12.44 -5.73 32.50
C ASP C 129 -13.76 -5.29 33.09
N PRO C 130 -14.84 -5.00 32.38
CA PRO C 130 -16.14 -4.72 33.00
C PRO C 130 -16.60 -5.82 33.92
N SER C 131 -17.13 -5.39 35.04
CA SER C 131 -17.36 -6.12 36.30
C SER C 131 -18.39 -7.23 36.08
N ASN C 132 -19.25 -7.03 35.08
CA ASN C 132 -20.32 -7.95 34.77
C ASN C 132 -19.81 -9.29 34.27
N LYS C 133 -18.55 -9.41 34.00
CA LYS C 133 -17.83 -10.58 33.51
C LYS C 133 -18.23 -11.01 32.12
N GLU C 134 -19.03 -10.24 31.40
CA GLU C 134 -19.50 -10.65 30.06
C GLU C 134 -18.36 -10.40 29.05
N ARG C 135 -18.34 -11.16 28.01
CA ARG C 135 -17.46 -10.84 26.85
C ARG C 135 -17.92 -9.58 26.18
N HIS C 136 -17.02 -8.93 25.39
CA HIS C 136 -17.47 -7.56 25.07
C HIS C 136 -16.59 -6.96 23.96
N ILE C 137 -17.22 -5.97 23.31
CA ILE C 137 -16.52 -5.06 22.41
C ILE C 137 -16.02 -3.81 23.10
N GLY C 138 -14.78 -3.42 22.96
CA GLY C 138 -14.33 -2.24 23.73
C GLY C 138 -13.58 -1.30 22.80
N ILE C 139 -13.59 -0.01 23.03
CA ILE C 139 -12.60 0.89 22.39
C ILE C 139 -11.44 1.20 23.33
N ASP C 140 -10.22 0.98 22.93
CA ASP C 140 -9.03 1.06 23.77
C ASP C 140 -8.12 2.19 23.27
N VAL C 141 -7.80 3.14 24.10
CA VAL C 141 -6.87 4.22 23.71
C VAL C 141 -5.74 4.32 24.73
N ASN C 142 -4.53 3.97 24.46
CA ASN C 142 -3.29 3.90 25.20
C ASN C 142 -3.39 3.05 26.47
N SER C 143 -4.36 2.16 26.59
CA SER C 143 -4.58 1.31 27.77
C SER C 143 -5.40 0.07 27.39
N ILE C 144 -5.21 -1.05 28.08
CA ILE C 144 -6.03 -2.28 27.98
C ILE C 144 -7.38 -2.11 28.65
N LYS C 145 -7.51 -1.13 29.54
CA LYS C 145 -8.78 -0.77 30.16
C LYS C 145 -9.59 0.14 29.25
N SER C 146 -10.62 -0.36 28.58
CA SER C 146 -11.32 0.28 27.45
C SER C 146 -11.91 1.60 27.89
N VAL C 147 -12.05 2.62 27.07
CA VAL C 147 -12.87 3.78 27.50
C VAL C 147 -14.34 3.57 27.26
N ASN C 148 -14.77 2.67 26.41
CA ASN C 148 -16.19 2.31 26.24
C ASN C 148 -16.28 0.83 25.89
N THR C 149 -17.18 0.04 26.47
CA THR C 149 -17.40 -1.39 26.19
C THR C 149 -18.88 -1.60 25.84
N LYS C 150 -19.24 -2.50 24.95
CA LYS C 150 -20.59 -3.05 24.81
C LYS C 150 -20.56 -4.56 25.01
N SER C 151 -21.39 -5.10 25.88
CA SER C 151 -21.63 -6.53 25.98
C SER C 151 -21.88 -7.23 24.68
N TRP C 152 -21.17 -8.36 24.47
CA TRP C 152 -21.15 -9.11 23.20
C TRP C 152 -21.30 -10.59 23.47
N ASN C 153 -22.27 -11.23 22.82
CA ASN C 153 -22.44 -12.68 22.90
C ASN C 153 -21.69 -13.44 21.85
N LEU C 154 -20.60 -14.08 22.21
CA LEU C 154 -19.75 -14.82 21.26
C LEU C 154 -20.59 -15.91 20.58
N GLN C 155 -20.70 -15.99 19.28
CA GLN C 155 -21.24 -17.20 18.61
C GLN C 155 -20.10 -18.05 18.10
N ASN C 156 -19.78 -19.13 18.77
CA ASN C 156 -18.56 -19.91 18.56
C ASN C 156 -18.52 -20.53 17.17
N GLY C 157 -17.40 -20.43 16.44
CA GLY C 157 -17.17 -20.85 15.07
C GLY C 157 -17.93 -20.13 13.98
N GLU C 158 -18.68 -19.06 14.24
CA GLU C 158 -19.45 -18.27 13.30
C GLU C 158 -18.66 -17.08 12.79
N ARG C 159 -18.81 -16.90 11.48
CA ARG C 159 -18.21 -15.70 10.88
C ARG C 159 -18.97 -14.47 11.36
N ALA C 160 -18.19 -13.52 11.83
CA ALA C 160 -18.75 -12.20 12.14
C ALA C 160 -18.33 -11.20 11.07
N ASN C 161 -19.22 -10.32 10.69
CA ASN C 161 -18.74 -9.22 9.79
C ASN C 161 -18.50 -7.98 10.63
N VAL C 162 -17.40 -7.32 10.60
CA VAL C 162 -17.17 -6.03 11.28
C VAL C 162 -16.99 -4.91 10.27
N VAL C 163 -17.59 -3.79 10.53
CA VAL C 163 -17.22 -2.49 9.99
C VAL C 163 -16.78 -1.52 11.08
N ILE C 164 -15.66 -0.90 10.87
CA ILE C 164 -15.14 0.20 11.71
C ILE C 164 -14.85 1.43 10.88
N ALA C 165 -15.47 2.53 11.27
CA ALA C 165 -15.53 3.78 10.52
C ALA C 165 -15.08 4.94 11.38
N PHE C 166 -14.26 5.82 10.91
CA PHE C 166 -13.86 6.98 11.73
C PHE C 166 -14.19 8.25 10.96
N ASN C 167 -14.99 9.10 11.50
CA ASN C 167 -15.49 10.36 10.95
C ASN C 167 -14.70 11.52 11.52
N ALA C 168 -13.80 12.05 10.67
CA ALA C 168 -12.74 13.00 11.06
C ALA C 168 -13.39 14.34 11.44
N ALA C 169 -14.56 14.55 10.83
CA ALA C 169 -15.40 15.72 11.11
C ALA C 169 -15.71 15.81 12.59
N THR C 170 -15.71 14.71 13.30
CA THR C 170 -16.56 14.48 14.50
C THR C 170 -15.78 13.75 15.56
N ASN C 171 -14.70 13.15 15.08
CA ASN C 171 -13.80 12.31 15.83
C ASN C 171 -14.57 11.14 16.46
N VAL C 172 -15.71 10.85 15.91
CA VAL C 172 -16.43 9.64 16.36
C VAL C 172 -15.91 8.42 15.63
N LEU C 173 -15.48 7.47 16.39
CA LEU C 173 -15.17 6.10 15.92
C LEU C 173 -16.36 5.18 16.10
N THR C 174 -16.78 4.51 15.06
CA THR C 174 -18.00 3.66 15.14
C THR C 174 -17.62 2.21 14.88
N VAL C 175 -18.04 1.25 15.66
CA VAL C 175 -17.80 -0.18 15.42
C VAL C 175 -19.08 -0.94 15.18
N THR C 176 -19.25 -1.77 14.15
CA THR C 176 -20.44 -2.60 14.08
C THR C 176 -20.08 -4.06 13.94
N LEU C 177 -20.62 -4.96 14.78
CA LEU C 177 -20.38 -6.39 14.51
C LEU C 177 -21.71 -7.09 14.20
N THR C 178 -21.77 -7.87 13.15
CA THR C 178 -22.99 -8.57 12.74
C THR C 178 -22.76 -10.05 12.59
N TYR C 179 -23.73 -10.76 13.08
CA TYR C 179 -23.84 -12.18 12.73
C TYR C 179 -25.09 -12.40 11.86
N PRO C 180 -25.07 -13.38 11.01
CA PRO C 180 -26.09 -13.76 10.05
C PRO C 180 -27.37 -14.22 10.73
N ASN C 181 -27.26 -15.00 11.78
CA ASN C 181 -28.38 -15.30 12.70
C ASN C 181 -28.10 -14.69 14.08
N VAL D 1 -30.18 -11.90 11.82
CA VAL D 1 -28.99 -11.10 12.07
C VAL D 1 -28.94 -10.60 13.51
N THR D 2 -27.91 -10.93 14.25
CA THR D 2 -27.49 -10.28 15.50
C THR D 2 -26.40 -9.24 15.22
N SER D 3 -26.70 -8.00 15.47
CA SER D 3 -25.73 -6.91 15.39
C SER D 3 -25.53 -6.21 16.71
N TYR D 4 -24.32 -5.69 16.92
CA TYR D 4 -23.87 -4.83 18.02
C TYR D 4 -23.12 -3.62 17.45
N THR D 5 -23.42 -2.43 17.94
CA THR D 5 -22.73 -1.20 17.63
C THR D 5 -22.30 -0.45 18.87
N LEU D 6 -21.12 0.09 18.80
CA LEU D 6 -20.46 0.92 19.83
C LEU D 6 -19.88 2.17 19.16
N ASN D 7 -20.02 3.35 19.67
CA ASN D 7 -19.50 4.68 19.35
C ASN D 7 -18.71 5.27 20.48
N GLU D 8 -17.62 5.96 20.14
CA GLU D 8 -16.88 6.78 21.13
C GLU D 8 -16.13 7.88 20.38
N VAL D 9 -16.00 9.03 20.96
CA VAL D 9 -15.15 10.09 20.39
C VAL D 9 -13.69 9.72 20.60
N VAL D 10 -12.82 9.55 19.63
CA VAL D 10 -11.37 9.34 19.81
C VAL D 10 -10.61 10.45 19.11
N PRO D 11 -9.85 11.29 19.83
CA PRO D 11 -9.20 12.40 19.11
C PRO D 11 -7.89 11.92 18.49
N LEU D 12 -7.89 11.32 17.32
CA LEU D 12 -6.82 10.57 16.64
C LEU D 12 -5.53 11.40 16.57
N LYS D 13 -5.60 12.64 16.16
CA LYS D 13 -4.54 13.63 16.08
C LYS D 13 -3.70 13.70 17.34
N ASP D 14 -4.27 13.50 18.51
CA ASP D 14 -3.58 13.65 19.79
C ASP D 14 -3.07 12.32 20.30
N VAL D 15 -3.41 11.21 19.68
CA VAL D 15 -3.07 9.88 20.22
C VAL D 15 -2.03 9.20 19.34
N VAL D 16 -2.27 9.15 18.06
CA VAL D 16 -1.36 8.41 17.15
C VAL D 16 -0.53 9.38 16.32
N PRO D 17 0.57 8.87 15.77
CA PRO D 17 1.46 9.68 14.93
C PRO D 17 0.86 9.98 13.58
N GLU D 18 1.46 10.85 12.77
CA GLU D 18 0.89 11.18 11.45
C GLU D 18 0.84 9.94 10.56
N TRP D 19 1.86 9.14 10.64
CA TRP D 19 1.92 7.91 9.82
C TRP D 19 1.75 6.69 10.77
N VAL D 20 1.02 5.71 10.34
CA VAL D 20 0.63 4.57 11.18
C VAL D 20 0.70 3.29 10.35
N ARG D 21 0.83 2.18 11.02
CA ARG D 21 0.39 0.88 10.48
C ARG D 21 -0.88 0.39 11.17
N ILE D 22 -1.78 -0.25 10.48
CA ILE D 22 -3.01 -0.97 10.83
C ILE D 22 -2.86 -2.47 10.77
N GLY D 23 -3.60 -3.20 11.64
CA GLY D 23 -3.35 -4.65 11.57
C GLY D 23 -4.21 -5.37 12.59
N PHE D 24 -3.96 -6.65 12.76
CA PHE D 24 -4.82 -7.40 13.70
C PHE D 24 -3.95 -8.05 14.77
N SER D 25 -4.50 -8.37 15.92
CA SER D 25 -3.74 -9.07 16.98
C SER D 25 -4.70 -10.09 17.63
N ALA D 26 -4.16 -11.23 17.99
CA ALA D 26 -5.00 -12.09 18.89
C ALA D 26 -4.04 -12.79 19.84
N THR D 27 -4.44 -13.20 21.00
CA THR D 27 -3.57 -13.92 21.98
C THR D 27 -4.47 -15.00 22.63
N THR D 28 -3.93 -16.03 23.15
CA THR D 28 -4.44 -17.10 24.01
C THR D 28 -3.78 -17.09 25.37
N GLY D 29 -4.34 -17.72 26.36
CA GLY D 29 -3.59 -17.73 27.70
C GLY D 29 -3.68 -19.23 28.06
N ALA D 30 -4.12 -19.59 29.21
CA ALA D 30 -4.37 -21.01 29.61
C ALA D 30 -5.66 -21.51 28.99
N GLU D 31 -6.60 -20.57 28.82
CA GLU D 31 -7.67 -20.89 27.86
C GLU D 31 -7.35 -20.29 26.50
N PHE D 32 -7.94 -20.90 25.46
CA PHE D 32 -7.39 -20.70 24.13
C PHE D 32 -8.41 -20.92 23.04
N ALA D 33 -8.15 -20.42 21.85
CA ALA D 33 -9.07 -20.47 20.70
C ALA D 33 -8.31 -20.09 19.44
N ALA D 34 -8.80 -20.51 18.29
CA ALA D 34 -8.20 -20.04 17.03
C ALA D 34 -8.90 -18.77 16.57
N GLN D 35 -8.04 -17.88 16.08
CA GLN D 35 -8.42 -16.52 15.68
C GLN D 35 -7.95 -16.26 14.24
N GLU D 36 -8.94 -15.94 13.44
CA GLU D 36 -8.65 -15.96 12.00
C GLU D 36 -9.59 -15.10 11.22
N VAL D 37 -9.07 -14.57 10.12
CA VAL D 37 -9.69 -13.45 9.36
C VAL D 37 -9.85 -13.91 7.91
N HIS D 38 -11.00 -13.76 7.35
CA HIS D 38 -11.34 -14.38 6.06
C HIS D 38 -11.27 -13.37 4.92
N SER D 39 -11.40 -12.13 5.19
CA SER D 39 -11.40 -11.08 4.15
C SER D 39 -11.04 -9.75 4.79
N TRP D 40 -10.53 -8.76 4.13
CA TRP D 40 -10.20 -7.48 4.80
C TRP D 40 -10.30 -6.36 3.76
N SER D 41 -10.96 -5.28 4.05
CA SER D 41 -10.81 -4.13 3.14
C SER D 41 -10.72 -2.83 3.87
N PHE D 42 -10.24 -1.78 3.28
CA PHE D 42 -9.80 -0.52 3.93
C PHE D 42 -9.84 0.61 2.92
N ASN D 43 -10.37 1.77 3.11
CA ASN D 43 -10.26 3.07 2.48
C ASN D 43 -9.99 4.19 3.47
N SER D 44 -9.12 5.08 3.08
CA SER D 44 -8.65 6.28 3.79
C SER D 44 -8.45 7.42 2.78
N GLN D 45 -8.84 8.56 3.15
CA GLN D 45 -8.94 9.85 2.46
C GLN D 45 -8.36 10.96 3.36
N LEU D 46 -7.20 11.46 3.18
CA LEU D 46 -6.64 12.62 3.91
C LEU D 46 -6.78 13.87 3.03
N GLY D 47 -7.57 14.83 3.43
CA GLY D 47 -7.61 16.20 2.80
C GLY D 47 -8.57 16.16 1.64
#